data_8JTY
#
_entry.id   8JTY
#
_cell.length_a   1.00
_cell.length_b   1.00
_cell.length_c   1.00
_cell.angle_alpha   90.00
_cell.angle_beta   90.00
_cell.angle_gamma   90.00
#
_symmetry.space_group_name_H-M   'P 1'
#
loop_
_entity.id
_entity.type
_entity.pdbx_description
1 polymer 'Solute carrier family 22 member 1'
2 polymer 'nanobody 56'
#
loop_
_entity_poly.entity_id
_entity_poly.type
_entity_poly.pdbx_seq_one_letter_code
_entity_poly.pdbx_strand_id
1 'polypeptide(L)'
;MPTVDDILEQVGESGWFQKQAFLILCLLSAAFAPICVGIVFLGFTPDHHCQSPGVAELSQRCGWSPAEELNYTVPGLGPA
GEAFLGQCRRYEVDWNQSALSCVDPLASLATNRSHLPLGPCQDGWVYDTPGSSIVTEFNLVCADSWKLDLFQSCLNAGFL
FGSLGVGYFADRFGRKLCLLGTVLVNAVSGVLMAFSPNYMSMLLFRLLQGLVSKGNWMAGYTLITEFVGSGSRRTVAIMY
QMAFTVGLVALTGLAYALPHWRWLQLAVSLPTFLFLLYYWCVPESPRWLLSQKRNTEAIKIMDHIAQKNGKLPPADLKML
SLEEDVTEKLSPSFADLFRTPRLRKRTFILMYLWFTDSVLYQGLILHMGATSGNLYLDFLYSALVEIPGAFIALITIDRV
GRIYPMAMSNLLAGAACLVMIFISPDLHWLNIIIMCVGRMGITIAIQMICLVNAELYPTFVRNLGVMVCSSLCDIGGIIT
PFIVFRLREVWQALPLILFAVLGLLAAGVTLLLPETKGVALPETMKDAENLGRKAKPKENTIYLKVQTSEPSGTEDQVDP
RLIDGK
;
A
2 'polypeptide(L)'
;QVQLQESGGGLVQAGGSLRLSCAASGTIFYYEIMGWYRQAPGKEREFVATIDQGGITNYADSVKGRFTISRDNAKNTVYL
QMNSLKPEDTAVYYCAVPDVFVGRGWDYLIYWGQGTQVTVSSGSHHHHHH
;
B
#
# COMPACT_ATOMS: atom_id res chain seq x y z
N ALA A 21 5.31 25.04 -0.58
CA ALA A 21 6.07 23.80 -0.61
C ALA A 21 5.15 22.60 -0.47
N PHE A 22 4.16 22.71 0.43
CA PHE A 22 3.22 21.61 0.63
C PHE A 22 2.37 21.36 -0.61
N LEU A 23 1.93 22.43 -1.28
CA LEU A 23 1.09 22.27 -2.44
C LEU A 23 1.81 21.52 -3.57
N ILE A 24 3.07 21.85 -3.80
CA ILE A 24 3.82 21.18 -4.88
C ILE A 24 3.99 19.70 -4.57
N LEU A 25 4.35 19.36 -3.33
CA LEU A 25 4.53 17.97 -2.96
C LEU A 25 3.23 17.20 -3.04
N CYS A 26 2.13 17.80 -2.59
CA CYS A 26 0.83 17.13 -2.68
C CYS A 26 0.42 16.91 -4.13
N LEU A 27 0.66 17.89 -4.99
CA LEU A 27 0.35 17.73 -6.41
C LEU A 27 1.20 16.63 -7.02
N LEU A 28 2.48 16.56 -6.66
CA LEU A 28 3.35 15.50 -7.17
C LEU A 28 2.87 14.13 -6.72
N SER A 29 2.45 14.00 -5.46
CA SER A 29 1.94 12.71 -4.97
C SER A 29 0.65 12.33 -5.70
N ALA A 30 -0.25 13.31 -5.89
CA ALA A 30 -1.49 13.03 -6.61
C ALA A 30 -1.23 12.64 -8.05
N ALA A 31 -0.19 13.24 -8.68
CA ALA A 31 0.14 12.89 -10.05
C ALA A 31 0.82 11.54 -10.15
N PHE A 32 1.56 11.14 -9.12
CA PHE A 32 2.16 9.80 -9.10
C PHE A 32 1.11 8.73 -8.82
N ALA A 33 0.02 9.08 -8.12
CA ALA A 33 -0.99 8.10 -7.76
C ALA A 33 -1.55 7.28 -8.92
N PRO A 34 -1.91 7.86 -10.07
CA PRO A 34 -2.51 7.04 -11.13
C PRO A 34 -1.53 6.15 -11.88
N ILE A 35 -0.22 6.33 -11.73
CA ILE A 35 0.73 5.58 -12.54
C ILE A 35 0.63 4.08 -12.25
N CYS A 36 0.54 3.71 -10.98
CA CYS A 36 0.48 2.31 -10.60
C CYS A 36 -0.94 1.78 -10.49
N VAL A 37 -1.94 2.58 -10.85
CA VAL A 37 -3.33 2.19 -10.69
C VAL A 37 -4.10 2.20 -12.01
N GLY A 38 -3.67 2.97 -13.01
CA GLY A 38 -4.44 3.20 -14.22
C GLY A 38 -4.72 1.97 -15.05
N ILE A 39 -4.02 0.86 -14.80
CA ILE A 39 -4.25 -0.35 -15.59
C ILE A 39 -5.68 -0.85 -15.46
N VAL A 40 -6.42 -0.38 -14.45
CA VAL A 40 -7.83 -0.73 -14.34
C VAL A 40 -8.64 -0.11 -15.48
N PHE A 41 -8.27 1.10 -15.91
CA PHE A 41 -8.99 1.84 -16.93
C PHE A 41 -8.34 1.75 -18.31
N LEU A 42 -7.02 1.78 -18.39
CA LEU A 42 -6.34 1.71 -19.68
C LEU A 42 -6.51 0.34 -20.32
N GLY A 43 -6.10 -0.72 -19.62
CA GLY A 43 -6.28 -2.05 -20.14
C GLY A 43 -7.41 -2.79 -19.46
N PHE A 44 -8.57 -2.88 -20.11
CA PHE A 44 -9.71 -3.60 -19.61
C PHE A 44 -10.28 -4.46 -20.71
N THR A 45 -10.70 -5.68 -20.37
CA THR A 45 -11.17 -6.64 -21.35
C THR A 45 -12.68 -6.68 -21.40
N PRO A 46 -13.30 -6.36 -22.53
CA PRO A 46 -14.76 -6.49 -22.67
C PRO A 46 -15.13 -7.84 -23.26
N ASP A 47 -16.44 -8.09 -23.30
CA ASP A 47 -16.94 -9.33 -23.87
C ASP A 47 -16.67 -9.38 -25.37
N HIS A 48 -16.23 -10.54 -25.85
CA HIS A 48 -15.86 -10.70 -27.25
C HIS A 48 -16.26 -12.09 -27.71
N HIS A 49 -16.34 -12.25 -29.03
CA HIS A 49 -16.66 -13.55 -29.62
C HIS A 49 -16.08 -13.60 -31.03
N CYS A 50 -15.92 -14.82 -31.53
CA CYS A 50 -15.38 -15.01 -32.87
C CYS A 50 -16.38 -14.54 -33.92
N GLN A 51 -15.85 -14.01 -35.01
CA GLN A 51 -16.67 -13.49 -36.11
C GLN A 51 -16.49 -14.34 -37.34
N SER A 52 -17.58 -14.52 -38.09
CA SER A 52 -17.58 -15.32 -39.30
C SER A 52 -18.14 -14.47 -40.44
N PRO A 53 -17.43 -14.36 -41.57
CA PRO A 53 -17.93 -13.55 -42.67
C PRO A 53 -19.18 -14.17 -43.29
N GLY A 54 -20.07 -13.31 -43.78
CA GLY A 54 -21.30 -13.72 -44.41
C GLY A 54 -22.49 -13.78 -43.47
N VAL A 55 -22.27 -13.76 -42.16
CA VAL A 55 -23.39 -13.77 -41.22
C VAL A 55 -24.16 -12.45 -41.28
N ALA A 56 -23.47 -11.36 -41.62
CA ALA A 56 -24.14 -10.06 -41.72
C ALA A 56 -25.15 -10.05 -42.86
N GLU A 57 -24.84 -10.73 -43.97
CA GLU A 57 -25.76 -10.77 -45.10
C GLU A 57 -27.07 -11.47 -44.71
N LEU A 58 -26.97 -12.59 -43.99
CA LEU A 58 -28.18 -13.29 -43.55
C LEU A 58 -28.94 -12.47 -42.53
N SER A 59 -28.23 -11.76 -41.65
CA SER A 59 -28.89 -10.90 -40.67
C SER A 59 -29.66 -9.78 -41.36
N GLN A 60 -29.09 -9.20 -42.42
CA GLN A 60 -29.82 -8.22 -43.21
C GLN A 60 -31.01 -8.86 -43.91
N ARG A 61 -30.83 -10.07 -44.44
CA ARG A 61 -31.94 -10.77 -45.09
C ARG A 61 -33.02 -11.12 -44.09
N CYS A 62 -32.64 -11.64 -42.92
CA CYS A 62 -33.58 -12.06 -41.88
C CYS A 62 -33.22 -11.33 -40.59
N GLY A 63 -34.05 -10.38 -40.19
CA GLY A 63 -33.81 -9.64 -38.96
C GLY A 63 -34.82 -9.99 -37.90
N TRP A 64 -35.26 -11.23 -37.88
CA TRP A 64 -36.26 -11.65 -36.91
C TRP A 64 -35.78 -11.49 -35.51
N SER A 65 -34.54 -11.92 -35.25
CA SER A 65 -34.00 -11.84 -33.90
C SER A 65 -32.58 -11.28 -33.90
N PRO A 66 -32.41 -9.97 -34.13
CA PRO A 66 -31.02 -9.53 -34.13
C PRO A 66 -30.32 -9.95 -32.85
N ALA A 67 -31.01 -9.86 -31.72
CA ALA A 67 -30.43 -10.24 -30.44
C ALA A 67 -30.15 -11.73 -30.37
N GLU A 68 -31.09 -12.54 -30.82
CA GLU A 68 -30.93 -13.99 -30.75
C GLU A 68 -29.94 -14.49 -31.79
N GLU A 69 -29.47 -13.60 -32.66
CA GLU A 69 -28.48 -13.99 -33.65
C GLU A 69 -27.29 -14.60 -32.94
N LEU A 70 -26.84 -13.96 -31.87
CA LEU A 70 -25.75 -14.53 -31.08
C LEU A 70 -26.19 -15.91 -30.67
N ASN A 71 -27.29 -16.00 -29.93
CA ASN A 71 -27.85 -17.30 -29.58
C ASN A 71 -27.78 -18.27 -30.75
N TYR A 72 -27.97 -17.78 -31.97
CA TYR A 72 -28.01 -18.64 -33.15
C TYR A 72 -26.64 -18.85 -33.79
N THR A 73 -25.61 -18.14 -33.34
CA THR A 73 -24.29 -18.26 -33.94
C THR A 73 -23.23 -18.75 -32.97
N VAL A 74 -23.15 -18.17 -31.77
CA VAL A 74 -22.12 -18.56 -30.82
C VAL A 74 -22.44 -19.95 -30.26
N PRO A 75 -21.48 -20.86 -30.21
CA PRO A 75 -21.77 -22.21 -29.70
C PRO A 75 -22.14 -22.20 -28.23
N GLY A 76 -22.76 -23.30 -27.80
CA GLY A 76 -23.27 -23.42 -26.46
C GLY A 76 -22.21 -23.78 -25.44
N LEU A 77 -21.39 -22.80 -25.05
CA LEU A 77 -20.35 -23.03 -24.05
C LEU A 77 -20.98 -23.45 -22.71
N GLY A 78 -20.40 -24.48 -22.10
CA GLY A 78 -20.91 -25.01 -20.86
C GLY A 78 -20.34 -24.30 -19.64
N PRO A 79 -20.56 -24.89 -18.46
CA PRO A 79 -20.06 -24.27 -17.23
C PRO A 79 -18.54 -24.32 -17.17
N ALA A 80 -17.94 -23.21 -16.75
CA ALA A 80 -16.50 -23.04 -16.58
C ALA A 80 -15.73 -23.25 -17.88
N GLY A 81 -16.41 -23.34 -19.02
CA GLY A 81 -15.75 -23.55 -20.28
C GLY A 81 -15.94 -22.39 -21.25
N GLU A 82 -16.66 -21.36 -20.81
CA GLU A 82 -16.91 -20.21 -21.66
C GLU A 82 -15.65 -19.45 -22.01
N ALA A 83 -14.57 -19.62 -21.23
CA ALA A 83 -13.33 -18.92 -21.54
C ALA A 83 -12.60 -19.50 -22.73
N PHE A 84 -12.94 -20.72 -23.15
CA PHE A 84 -12.27 -21.35 -24.28
C PHE A 84 -13.25 -22.09 -25.19
N LEU A 85 -14.51 -21.67 -25.21
CA LEU A 85 -15.50 -22.28 -26.10
C LEU A 85 -16.33 -21.29 -26.89
N GLY A 86 -16.46 -20.04 -26.46
CA GLY A 86 -17.20 -19.05 -27.21
C GLY A 86 -16.35 -17.86 -27.60
N GLN A 87 -15.29 -17.61 -26.81
CA GLN A 87 -14.37 -16.51 -27.08
C GLN A 87 -13.20 -16.91 -27.96
N CYS A 88 -13.02 -18.21 -28.24
CA CYS A 88 -11.87 -18.64 -29.03
C CYS A 88 -12.24 -19.73 -30.04
N ARG A 89 -13.51 -19.87 -30.39
CA ARG A 89 -13.94 -20.89 -31.33
C ARG A 89 -15.07 -20.35 -32.20
N ARG A 90 -15.25 -20.97 -33.36
CA ARG A 90 -16.29 -20.59 -34.29
C ARG A 90 -16.82 -21.82 -35.00
N TYR A 91 -18.01 -21.67 -35.55
CA TYR A 91 -18.60 -22.76 -36.31
C TYR A 91 -18.07 -22.77 -37.72
N GLU A 92 -18.19 -23.91 -38.38
CA GLU A 92 -17.77 -24.05 -39.77
C GLU A 92 -18.94 -24.05 -40.74
N VAL A 93 -20.15 -23.74 -40.26
CA VAL A 93 -21.32 -23.70 -41.14
C VAL A 93 -21.19 -22.55 -42.12
N ASP A 94 -21.45 -22.83 -43.39
CA ASP A 94 -21.40 -21.81 -44.44
C ASP A 94 -22.75 -21.09 -44.47
N TRP A 95 -22.85 -20.03 -43.66
CA TRP A 95 -24.10 -19.27 -43.61
C TRP A 95 -24.41 -18.61 -44.95
N ASN A 96 -23.39 -18.04 -45.59
CA ASN A 96 -23.60 -17.33 -46.85
C ASN A 96 -23.98 -18.28 -47.96
N GLN A 97 -24.82 -17.80 -48.87
CA GLN A 97 -25.30 -18.57 -50.03
C GLN A 97 -25.93 -19.89 -49.60
N SER A 98 -26.71 -19.85 -48.52
CA SER A 98 -27.39 -21.02 -48.00
C SER A 98 -28.81 -20.65 -47.61
N ALA A 99 -29.75 -21.56 -47.89
CA ALA A 99 -31.14 -21.33 -47.54
C ALA A 99 -31.39 -21.72 -46.09
N LEU A 100 -32.01 -20.81 -45.34
CA LEU A 100 -32.28 -21.03 -43.93
C LEU A 100 -33.75 -20.82 -43.64
N SER A 101 -34.21 -21.33 -42.51
CA SER A 101 -35.60 -21.27 -42.10
C SER A 101 -35.96 -19.97 -41.39
N CYS A 102 -35.00 -19.06 -41.20
CA CYS A 102 -35.15 -17.76 -40.58
C CYS A 102 -35.49 -17.85 -39.09
N VAL A 103 -35.59 -19.05 -38.52
CA VAL A 103 -35.90 -19.21 -37.10
C VAL A 103 -34.78 -20.01 -36.43
N ASP A 104 -34.57 -21.24 -36.89
CA ASP A 104 -33.55 -22.13 -36.35
C ASP A 104 -32.73 -22.70 -37.50
N PRO A 105 -31.81 -21.90 -38.07
CA PRO A 105 -31.01 -22.41 -39.20
C PRO A 105 -30.16 -23.62 -38.85
N LEU A 106 -29.65 -23.69 -37.62
CA LEU A 106 -28.78 -24.80 -37.25
C LEU A 106 -29.57 -26.08 -37.01
N ALA A 107 -30.79 -25.97 -36.47
CA ALA A 107 -31.58 -27.15 -36.21
C ALA A 107 -31.98 -27.86 -37.51
N SER A 108 -32.35 -27.09 -38.53
CA SER A 108 -32.76 -27.70 -39.79
C SER A 108 -31.57 -28.33 -40.51
N LEU A 109 -30.39 -27.71 -40.44
CA LEU A 109 -29.23 -28.23 -41.15
C LEU A 109 -28.75 -29.54 -40.53
N ALA A 110 -28.63 -29.59 -39.21
CA ALA A 110 -28.16 -30.78 -38.52
C ALA A 110 -29.05 -31.06 -37.31
N THR A 111 -29.36 -32.34 -37.11
CA THR A 111 -30.18 -32.73 -35.97
C THR A 111 -29.47 -32.45 -34.65
N ASN A 112 -28.17 -32.73 -34.58
CA ASN A 112 -27.36 -32.49 -33.39
C ASN A 112 -26.39 -31.36 -33.68
N ARG A 113 -26.31 -30.40 -32.76
CA ARG A 113 -25.42 -29.25 -32.90
C ARG A 113 -24.12 -29.41 -32.14
N SER A 114 -23.83 -30.61 -31.63
CA SER A 114 -22.60 -30.88 -30.91
C SER A 114 -21.61 -31.73 -31.72
N HIS A 115 -21.87 -31.92 -33.01
CA HIS A 115 -21.02 -32.77 -33.84
C HIS A 115 -20.37 -32.05 -35.02
N LEU A 116 -20.76 -30.81 -35.30
CA LEU A 116 -20.15 -30.10 -36.43
C LEU A 116 -18.70 -29.74 -36.10
N PRO A 117 -17.85 -29.64 -37.12
CA PRO A 117 -16.44 -29.32 -36.88
C PRO A 117 -16.26 -27.91 -36.35
N LEU A 118 -15.17 -27.74 -35.59
CA LEU A 118 -14.77 -26.46 -35.04
C LEU A 118 -13.40 -26.07 -35.59
N GLY A 119 -12.88 -24.94 -35.12
CA GLY A 119 -11.58 -24.48 -35.58
C GLY A 119 -11.11 -23.24 -34.85
N PRO A 120 -9.87 -22.84 -35.10
CA PRO A 120 -9.32 -21.64 -34.46
C PRO A 120 -10.03 -20.38 -34.92
N CYS A 121 -10.06 -19.38 -34.05
CA CYS A 121 -10.71 -18.12 -34.36
C CYS A 121 -9.88 -17.34 -35.39
N GLN A 122 -10.54 -16.38 -36.03
CA GLN A 122 -9.90 -15.59 -37.08
C GLN A 122 -10.59 -14.23 -37.15
N ASP A 123 -10.01 -13.35 -37.97
CA ASP A 123 -10.58 -12.04 -38.30
C ASP A 123 -10.68 -11.12 -37.08
N GLY A 124 -9.91 -11.39 -36.03
CA GLY A 124 -9.74 -10.43 -34.96
C GLY A 124 -10.93 -10.18 -34.06
N TRP A 125 -11.89 -11.11 -34.06
CA TRP A 125 -13.05 -11.01 -33.16
C TRP A 125 -13.90 -9.79 -33.29
N VAL A 126 -14.95 -9.71 -32.46
CA VAL A 126 -15.84 -8.55 -32.45
C VAL A 126 -16.16 -8.24 -30.99
N TYR A 127 -15.90 -7.00 -30.57
CA TYR A 127 -16.06 -6.61 -29.18
C TYR A 127 -17.32 -5.78 -29.00
N ASP A 128 -17.76 -5.67 -27.75
CA ASP A 128 -18.97 -4.94 -27.38
C ASP A 128 -18.62 -3.87 -26.36
N THR A 129 -18.20 -2.69 -26.85
CA THR A 129 -17.86 -1.56 -26.01
C THR A 129 -17.79 -0.29 -26.84
N PRO A 130 -18.21 0.87 -26.29
CA PRO A 130 -18.08 2.12 -27.05
C PRO A 130 -16.69 2.73 -26.99
N GLY A 131 -15.85 2.29 -26.06
CA GLY A 131 -14.51 2.82 -25.90
C GLY A 131 -13.46 1.97 -26.59
N SER A 132 -12.23 2.06 -26.08
CA SER A 132 -11.13 1.29 -26.65
C SER A 132 -10.08 1.07 -25.56
N SER A 133 -9.25 0.05 -25.76
CA SER A 133 -8.21 -0.30 -24.81
C SER A 133 -7.09 -1.01 -25.56
N ILE A 134 -6.03 -1.37 -24.83
CA ILE A 134 -4.92 -2.10 -25.44
C ILE A 134 -5.37 -3.51 -25.86
N VAL A 135 -6.24 -4.13 -25.05
CA VAL A 135 -6.75 -5.46 -25.39
C VAL A 135 -7.57 -5.41 -26.67
N THR A 136 -8.41 -4.38 -26.81
CA THR A 136 -9.24 -4.26 -28.00
C THR A 136 -8.39 -3.94 -29.23
N GLU A 137 -7.34 -3.14 -29.06
CA GLU A 137 -6.55 -2.70 -30.21
C GLU A 137 -5.59 -3.78 -30.70
N PHE A 138 -4.82 -4.36 -29.79
CA PHE A 138 -3.77 -5.31 -30.17
C PHE A 138 -4.22 -6.77 -30.10
N ASN A 139 -5.49 -7.03 -29.77
CA ASN A 139 -6.05 -8.38 -29.76
C ASN A 139 -5.27 -9.30 -28.82
N LEU A 140 -5.31 -8.98 -27.53
CA LEU A 140 -4.59 -9.71 -26.50
C LEU A 140 -5.44 -10.79 -25.85
N VAL A 141 -6.35 -11.42 -26.59
CA VAL A 141 -7.22 -12.45 -26.04
C VAL A 141 -6.79 -13.82 -26.55
N CYS A 142 -7.39 -14.87 -26.00
CA CYS A 142 -7.15 -16.27 -26.39
C CYS A 142 -5.67 -16.50 -26.10
N ALA A 143 -4.93 -17.21 -26.97
CA ALA A 143 -3.57 -17.60 -26.66
C ALA A 143 -2.58 -16.49 -26.29
N ASP A 144 -2.93 -15.24 -26.54
CA ASP A 144 -2.07 -14.12 -26.20
C ASP A 144 -2.46 -13.46 -24.88
N SER A 145 -3.34 -14.08 -24.10
CA SER A 145 -3.83 -13.47 -22.88
C SER A 145 -2.75 -13.23 -21.85
N TRP A 146 -1.63 -13.95 -21.94
CA TRP A 146 -0.55 -13.79 -20.96
C TRP A 146 0.28 -12.54 -21.19
N LYS A 147 0.02 -11.79 -22.26
CA LYS A 147 0.79 -10.59 -22.55
C LYS A 147 0.35 -9.39 -21.72
N LEU A 148 -0.80 -9.48 -21.04
CA LEU A 148 -1.27 -8.35 -20.25
C LEU A 148 -0.48 -8.19 -18.96
N ASP A 149 0.05 -9.29 -18.41
CA ASP A 149 0.83 -9.23 -17.19
C ASP A 149 2.19 -8.57 -17.40
N LEU A 150 2.71 -8.61 -18.63
CA LEU A 150 3.96 -7.93 -18.93
C LEU A 150 3.87 -6.44 -18.65
N PHE A 151 2.69 -5.87 -18.81
CA PHE A 151 2.50 -4.44 -18.56
C PHE A 151 2.94 -4.08 -17.15
N GLN A 152 2.40 -4.77 -16.15
CA GLN A 152 2.76 -4.49 -14.77
C GLN A 152 4.14 -5.03 -14.42
N SER A 153 4.54 -6.16 -15.02
CA SER A 153 5.84 -6.74 -14.69
C SER A 153 6.98 -5.83 -15.10
N CYS A 154 6.88 -5.20 -16.28
CA CYS A 154 7.93 -4.30 -16.74
C CYS A 154 8.02 -3.05 -15.87
N LEU A 155 6.85 -2.50 -15.47
CA LEU A 155 6.86 -1.34 -14.59
C LEU A 155 7.49 -1.67 -13.25
N ASN A 156 7.16 -2.83 -12.68
CA ASN A 156 7.75 -3.20 -11.40
C ASN A 156 9.24 -3.52 -11.53
N ALA A 157 9.66 -4.08 -12.66
CA ALA A 157 11.09 -4.26 -12.90
C ALA A 157 11.81 -2.92 -12.96
N GLY A 158 11.20 -1.93 -13.61
CA GLY A 158 11.75 -0.60 -13.60
C GLY A 158 11.83 -0.01 -12.20
N PHE A 159 10.79 -0.25 -11.39
CA PHE A 159 10.82 0.22 -10.00
C PHE A 159 11.98 -0.40 -9.24
N LEU A 160 12.20 -1.70 -9.42
CA LEU A 160 13.31 -2.37 -8.74
C LEU A 160 14.65 -1.81 -9.21
N PHE A 161 14.82 -1.65 -10.53
CA PHE A 161 16.12 -1.24 -11.06
C PHE A 161 16.44 0.22 -10.72
N GLY A 162 15.44 1.09 -10.68
CA GLY A 162 15.70 2.50 -10.44
C GLY A 162 16.03 2.85 -9.00
N SER A 163 15.75 1.95 -8.06
CA SER A 163 16.05 2.24 -6.66
C SER A 163 17.55 2.25 -6.39
N LEU A 164 18.28 1.30 -6.97
CA LEU A 164 19.72 1.23 -6.73
C LEU A 164 20.47 2.33 -7.46
N GLY A 165 20.08 2.61 -8.70
CA GLY A 165 20.79 3.56 -9.54
C GLY A 165 20.50 5.02 -9.30
N VAL A 166 19.60 5.35 -8.37
CA VAL A 166 19.29 6.74 -8.12
C VAL A 166 20.32 7.41 -7.23
N GLY A 167 21.07 6.64 -6.44
CA GLY A 167 22.07 7.25 -5.57
C GLY A 167 23.24 7.84 -6.33
N TYR A 168 23.68 7.16 -7.39
CA TYR A 168 24.82 7.65 -8.15
C TYR A 168 24.53 9.00 -8.81
N PHE A 169 23.33 9.13 -9.38
CA PHE A 169 22.96 10.38 -10.06
C PHE A 169 22.75 11.54 -9.08
N ALA A 170 22.69 11.27 -7.78
CA ALA A 170 22.64 12.34 -6.79
C ALA A 170 24.00 12.96 -6.52
N ASP A 171 25.07 12.41 -7.10
CA ASP A 171 26.42 12.93 -6.96
C ASP A 171 27.01 13.20 -8.33
N ARG A 172 28.02 14.08 -8.34
CA ARG A 172 28.78 14.47 -9.53
C ARG A 172 27.93 15.36 -10.44
N PHE A 173 26.65 15.49 -10.14
CA PHE A 173 25.77 16.41 -10.85
C PHE A 173 25.13 17.44 -9.93
N GLY A 174 24.57 16.99 -8.81
CA GLY A 174 23.87 17.86 -7.89
C GLY A 174 22.50 17.31 -7.53
N ARG A 175 21.89 17.97 -6.55
CA ARG A 175 20.56 17.60 -6.06
C ARG A 175 19.46 18.45 -6.69
N LYS A 176 19.78 19.27 -7.67
CA LYS A 176 18.81 20.15 -8.31
C LYS A 176 18.49 19.76 -9.75
N LEU A 177 19.48 19.32 -10.52
CA LEU A 177 19.26 18.95 -11.92
C LEU A 177 18.55 17.61 -12.06
N CYS A 178 18.48 16.80 -11.00
CA CYS A 178 17.85 15.49 -11.10
C CYS A 178 16.34 15.59 -11.22
N LEU A 179 15.71 16.44 -10.41
CA LEU A 179 14.25 16.52 -10.38
C LEU A 179 13.71 16.99 -11.72
N LEU A 180 14.31 18.05 -12.29
CA LEU A 180 13.83 18.58 -13.56
C LEU A 180 13.99 17.54 -14.67
N GLY A 181 15.13 16.85 -14.71
CA GLY A 181 15.33 15.83 -15.72
C GLY A 181 14.34 14.69 -15.59
N THR A 182 14.08 14.23 -14.37
CA THR A 182 13.12 13.15 -14.16
C THR A 182 11.72 13.57 -14.58
N VAL A 183 11.32 14.79 -14.23
CA VAL A 183 9.98 15.26 -14.61
C VAL A 183 9.86 15.37 -16.13
N LEU A 184 10.88 15.93 -16.78
CA LEU A 184 10.85 16.04 -18.24
C LEU A 184 10.77 14.67 -18.90
N VAL A 185 11.57 13.72 -18.41
CA VAL A 185 11.57 12.38 -18.99
C VAL A 185 10.21 11.72 -18.79
N ASN A 186 9.62 11.88 -17.60
CA ASN A 186 8.31 11.28 -17.34
C ASN A 186 7.25 11.84 -18.29
N ALA A 187 7.24 13.18 -18.46
CA ALA A 187 6.23 13.78 -19.33
C ALA A 187 6.41 13.36 -20.79
N VAL A 188 7.65 13.39 -21.28
CA VAL A 188 7.92 13.01 -22.67
C VAL A 188 7.57 11.55 -22.89
N SER A 189 7.92 10.68 -21.94
CA SER A 189 7.60 9.26 -22.06
C SER A 189 6.08 9.04 -22.08
N GLY A 190 5.35 9.76 -21.24
CA GLY A 190 3.90 9.64 -21.26
C GLY A 190 3.30 10.01 -22.60
N VAL A 191 3.73 11.16 -23.14
CA VAL A 191 3.19 11.61 -24.43
C VAL A 191 3.55 10.62 -25.54
N LEU A 192 4.82 10.19 -25.58
CA LEU A 192 5.27 9.29 -26.64
C LEU A 192 4.57 7.95 -26.54
N MET A 193 4.33 7.45 -25.32
CA MET A 193 3.53 6.24 -25.16
C MET A 193 2.11 6.45 -25.66
N ALA A 194 1.54 7.63 -25.41
CA ALA A 194 0.24 7.95 -25.98
C ALA A 194 0.27 7.99 -27.50
N PHE A 195 1.45 8.15 -28.10
CA PHE A 195 1.61 8.13 -29.54
C PHE A 195 2.45 6.93 -30.02
N SER A 196 2.17 5.73 -29.48
CA SER A 196 2.95 4.53 -29.79
C SER A 196 2.33 3.77 -30.97
N PRO A 197 3.13 3.35 -31.96
CA PRO A 197 2.56 2.66 -33.13
C PRO A 197 2.40 1.15 -32.97
N ASN A 198 3.23 0.51 -32.15
CA ASN A 198 3.19 -0.94 -32.00
C ASN A 198 3.31 -1.30 -30.52
N TYR A 199 3.27 -2.60 -30.24
CA TYR A 199 3.23 -3.06 -28.85
C TYR A 199 4.58 -2.93 -28.16
N MET A 200 5.67 -3.26 -28.87
CA MET A 200 6.98 -3.28 -28.23
C MET A 200 7.40 -1.89 -27.74
N SER A 201 7.10 -0.86 -28.52
CA SER A 201 7.47 0.50 -28.12
C SER A 201 6.76 0.91 -26.84
N MET A 202 5.51 0.49 -26.66
CA MET A 202 4.79 0.82 -25.44
C MET A 202 5.45 0.17 -24.22
N LEU A 203 5.87 -1.09 -24.34
CA LEU A 203 6.60 -1.73 -23.25
C LEU A 203 7.91 -1.02 -22.98
N LEU A 204 8.63 -0.61 -24.03
CA LEU A 204 9.88 0.11 -23.84
C LEU A 204 9.66 1.42 -23.08
N PHE A 205 8.60 2.16 -23.43
CA PHE A 205 8.34 3.43 -22.76
C PHE A 205 7.87 3.22 -21.33
N ARG A 206 7.09 2.16 -21.07
CA ARG A 206 6.72 1.83 -19.71
C ARG A 206 7.95 1.56 -18.86
N LEU A 207 8.88 0.75 -19.37
CA LEU A 207 10.11 0.47 -18.64
C LEU A 207 10.93 1.74 -18.45
N LEU A 208 10.96 2.60 -19.47
CA LEU A 208 11.75 3.84 -19.38
C LEU A 208 11.21 4.78 -18.30
N GLN A 209 9.89 4.91 -18.20
CA GLN A 209 9.31 5.82 -17.21
C GLN A 209 9.20 5.21 -15.82
N GLY A 210 9.28 3.87 -15.71
CA GLY A 210 9.20 3.24 -14.40
C GLY A 210 10.30 3.65 -13.46
N LEU A 211 11.51 3.90 -13.98
CA LEU A 211 12.61 4.36 -13.14
C LEU A 211 12.32 5.76 -12.59
N VAL A 212 12.13 6.72 -13.49
CA VAL A 212 11.99 8.12 -13.11
C VAL A 212 10.75 8.36 -12.26
N SER A 213 9.72 7.52 -12.39
CA SER A 213 8.53 7.69 -11.55
C SER A 213 8.89 7.70 -10.08
N LYS A 214 9.42 6.58 -9.57
CA LYS A 214 9.83 6.53 -8.18
C LYS A 214 11.00 7.44 -7.91
N GLY A 215 11.89 7.63 -8.89
CA GLY A 215 13.04 8.51 -8.69
C GLY A 215 12.64 9.92 -8.31
N ASN A 216 11.58 10.44 -8.94
CA ASN A 216 11.08 11.76 -8.57
C ASN A 216 10.09 11.72 -7.43
N TRP A 217 9.40 10.59 -7.22
CA TRP A 217 8.41 10.54 -6.15
C TRP A 217 9.06 10.54 -4.77
N MET A 218 10.20 9.85 -4.62
CA MET A 218 10.81 9.74 -3.30
C MET A 218 11.34 11.10 -2.80
N ALA A 219 11.80 11.95 -3.72
CA ALA A 219 12.39 13.23 -3.33
C ALA A 219 11.37 14.13 -2.65
N GLY A 220 10.13 14.14 -3.14
CA GLY A 220 9.11 14.96 -2.50
C GLY A 220 8.83 14.55 -1.07
N TYR A 221 8.74 13.25 -0.84
CA TYR A 221 8.54 12.76 0.51
C TYR A 221 9.71 13.20 1.38
N THR A 222 10.93 12.95 0.90
CA THR A 222 12.11 13.29 1.71
C THR A 222 12.13 14.77 2.05
N LEU A 223 11.83 15.63 1.08
CA LEU A 223 11.83 17.07 1.32
C LEU A 223 10.75 17.46 2.32
N ILE A 224 9.55 16.87 2.19
CA ILE A 224 8.46 17.19 3.11
C ILE A 224 8.81 16.76 4.53
N THR A 225 9.42 15.58 4.67
CA THR A 225 9.84 15.12 6.00
C THR A 225 10.92 16.01 6.58
N GLU A 226 11.88 16.44 5.75
CA GLU A 226 13.02 17.20 6.27
C GLU A 226 12.61 18.62 6.66
N PHE A 227 11.83 19.29 5.81
CA PHE A 227 11.54 20.71 6.02
C PHE A 227 10.71 20.94 7.29
N VAL A 228 9.72 20.10 7.52
CA VAL A 228 8.84 20.26 8.68
C VAL A 228 9.54 19.71 9.92
N GLY A 229 9.30 20.34 11.06
CA GLY A 229 9.90 19.93 12.31
C GLY A 229 9.39 18.58 12.78
N SER A 230 10.01 18.11 13.87
CA SER A 230 9.70 16.78 14.39
C SER A 230 8.32 16.71 15.04
N GLY A 231 7.71 17.84 15.36
CA GLY A 231 6.41 17.85 16.01
C GLY A 231 5.23 17.69 15.09
N SER A 232 5.42 17.78 13.77
CA SER A 232 4.32 17.68 12.81
C SER A 232 4.57 16.61 11.75
N ARG A 233 5.45 15.65 12.04
CA ARG A 233 5.68 14.57 11.09
C ARG A 233 4.42 13.73 10.88
N ARG A 234 3.69 13.46 11.97
CA ARG A 234 2.43 12.72 11.84
C ARG A 234 1.43 13.51 11.01
N THR A 235 1.34 14.82 11.23
CA THR A 235 0.40 15.64 10.48
C THR A 235 0.74 15.67 8.99
N VAL A 236 2.03 15.81 8.67
CA VAL A 236 2.40 15.86 7.25
C VAL A 236 2.23 14.49 6.60
N ALA A 237 2.44 13.39 7.35
CA ALA A 237 2.16 12.07 6.79
C ALA A 237 0.69 11.90 6.49
N ILE A 238 -0.17 12.36 7.41
CA ILE A 238 -1.61 12.29 7.15
C ILE A 238 -2.00 13.18 5.98
N MET A 239 -1.34 14.32 5.83
CA MET A 239 -1.59 15.19 4.69
C MET A 239 -1.19 14.50 3.39
N TYR A 240 -0.07 13.77 3.39
CA TYR A 240 0.33 13.00 2.21
C TYR A 240 -0.70 11.92 1.89
N GLN A 241 -1.21 11.23 2.91
CA GLN A 241 -2.24 10.22 2.66
C GLN A 241 -3.50 10.85 2.07
N MET A 242 -3.90 12.01 2.60
CA MET A 242 -5.06 12.71 2.06
C MET A 242 -4.82 13.14 0.60
N ALA A 243 -3.61 13.60 0.29
CA ALA A 243 -3.29 13.97 -1.08
C ALA A 243 -3.36 12.77 -2.01
N PHE A 244 -2.87 11.61 -1.56
CA PHE A 244 -2.95 10.41 -2.37
C PHE A 244 -4.40 10.00 -2.62
N THR A 245 -5.24 10.08 -1.57
CA THR A 245 -6.65 9.76 -1.74
C THR A 245 -7.33 10.71 -2.71
N VAL A 246 -7.04 12.01 -2.60
CA VAL A 246 -7.63 13.00 -3.51
C VAL A 246 -7.19 12.73 -4.94
N GLY A 247 -5.91 12.41 -5.14
CA GLY A 247 -5.44 12.09 -6.48
C GLY A 247 -6.09 10.84 -7.05
N LEU A 248 -6.37 9.87 -6.18
CA LEU A 248 -7.10 8.68 -6.63
C LEU A 248 -8.55 9.00 -6.98
N VAL A 249 -9.15 9.97 -6.29
CA VAL A 249 -10.56 10.29 -6.53
C VAL A 249 -10.73 10.98 -7.88
N ALA A 250 -9.83 11.89 -8.23
CA ALA A 250 -9.98 12.67 -9.46
C ALA A 250 -9.81 11.81 -10.71
N LEU A 251 -9.03 10.73 -10.62
CA LEU A 251 -8.81 9.88 -11.78
C LEU A 251 -10.09 9.19 -12.23
N THR A 252 -10.96 8.81 -11.28
CA THR A 252 -12.22 8.19 -11.64
C THR A 252 -13.14 9.12 -12.42
N GLY A 253 -13.04 10.43 -12.19
CA GLY A 253 -13.85 11.39 -12.92
C GLY A 253 -13.44 11.57 -14.36
N LEU A 254 -12.13 11.57 -14.62
CA LEU A 254 -11.64 11.75 -15.98
C LEU A 254 -12.01 10.57 -16.87
N ALA A 255 -11.88 9.35 -16.36
CA ALA A 255 -12.19 8.16 -17.15
C ALA A 255 -13.67 8.05 -17.49
N TYR A 256 -14.54 8.84 -16.85
CA TYR A 256 -15.96 8.81 -17.16
C TYR A 256 -16.29 9.57 -18.44
N ALA A 257 -15.56 10.65 -18.73
CA ALA A 257 -15.84 11.50 -19.89
C ALA A 257 -14.87 11.30 -21.03
N LEU A 258 -13.82 10.48 -20.86
CA LEU A 258 -12.83 10.21 -21.90
C LEU A 258 -12.69 8.70 -22.03
N PRO A 259 -13.56 8.05 -22.81
CA PRO A 259 -13.56 6.59 -22.89
C PRO A 259 -12.54 6.01 -23.86
N HIS A 260 -11.55 6.78 -24.32
CA HIS A 260 -10.50 6.28 -25.18
C HIS A 260 -9.16 6.39 -24.47
N TRP A 261 -8.34 5.34 -24.56
CA TRP A 261 -7.13 5.29 -23.77
C TRP A 261 -6.10 6.32 -24.22
N ARG A 262 -6.09 6.68 -25.51
CA ARG A 262 -5.20 7.74 -25.96
C ARG A 262 -5.59 9.08 -25.35
N TRP A 263 -6.88 9.41 -25.36
CA TRP A 263 -7.35 10.66 -24.76
C TRP A 263 -7.06 10.69 -23.28
N LEU A 264 -7.33 9.60 -22.57
CA LEU A 264 -7.11 9.55 -21.13
C LEU A 264 -5.62 9.67 -20.81
N GLN A 265 -4.77 9.00 -21.58
CA GLN A 265 -3.33 9.11 -21.36
C GLN A 265 -2.84 10.53 -21.57
N LEU A 266 -3.29 11.18 -22.65
CA LEU A 266 -2.89 12.56 -22.89
C LEU A 266 -3.38 13.49 -21.78
N ALA A 267 -4.62 13.28 -21.31
CA ALA A 267 -5.20 14.14 -20.29
C ALA A 267 -4.49 13.98 -18.95
N VAL A 268 -4.05 12.77 -18.62
CA VAL A 268 -3.32 12.58 -17.36
C VAL A 268 -1.83 12.81 -17.50
N SER A 269 -1.31 13.00 -18.71
CA SER A 269 0.11 13.29 -18.90
C SER A 269 0.42 14.76 -19.09
N LEU A 270 -0.45 15.52 -19.75
CA LEU A 270 -0.14 16.92 -20.02
C LEU A 270 0.02 17.79 -18.78
N PRO A 271 -0.80 17.66 -17.73
CA PRO A 271 -0.58 18.50 -16.52
C PRO A 271 0.84 18.44 -15.96
N THR A 272 1.52 17.30 -16.07
CA THR A 272 2.91 17.24 -15.62
C THR A 272 3.79 18.21 -16.40
N PHE A 273 3.54 18.32 -17.70
CA PHE A 273 4.27 19.28 -18.51
C PHE A 273 3.85 20.70 -18.21
N LEU A 274 2.58 20.89 -17.90
CA LEU A 274 2.06 22.25 -17.70
C LEU A 274 2.54 22.85 -16.38
N PHE A 275 2.50 22.06 -15.30
CA PHE A 275 2.85 22.63 -13.99
C PHE A 275 4.36 22.81 -13.78
N LEU A 276 5.18 22.14 -14.59
CA LEU A 276 6.61 22.23 -14.39
C LEU A 276 7.08 23.68 -14.35
N LEU A 277 6.52 24.52 -15.23
CA LEU A 277 6.88 25.92 -15.29
C LEU A 277 6.33 26.68 -14.08
N LEU A 330 29.72 5.23 18.42
CA LEU A 330 28.92 6.35 18.90
C LEU A 330 27.98 6.86 17.80
N SER A 331 27.81 6.06 16.77
CA SER A 331 26.94 6.40 15.65
C SER A 331 26.05 5.22 15.31
N PRO A 332 24.84 5.46 14.80
CA PRO A 332 23.96 4.36 14.41
C PRO A 332 24.44 3.71 13.11
N SER A 333 24.84 2.44 13.21
CA SER A 333 25.33 1.69 12.07
C SER A 333 24.41 0.50 11.82
N PHE A 334 24.29 0.12 10.54
CA PHE A 334 23.42 -0.99 10.17
C PHE A 334 23.93 -2.34 10.64
N ALA A 335 25.17 -2.43 11.11
CA ALA A 335 25.74 -3.68 11.59
C ALA A 335 25.46 -3.92 13.07
N ASP A 336 24.85 -2.96 13.77
CA ASP A 336 24.57 -3.11 15.19
C ASP A 336 23.25 -3.80 15.46
N LEU A 337 22.42 -4.02 14.44
CA LEU A 337 21.14 -4.68 14.62
C LEU A 337 21.22 -6.20 14.54
N PHE A 338 22.38 -6.75 14.17
CA PHE A 338 22.53 -8.20 14.02
C PHE A 338 23.52 -8.79 15.01
N ARG A 339 24.06 -8.00 15.94
CA ARG A 339 24.96 -8.53 16.95
C ARG A 339 24.23 -8.81 18.26
N THR A 340 23.47 -7.84 18.76
CA THR A 340 22.73 -8.05 20.00
C THR A 340 21.52 -8.94 19.74
N PRO A 341 21.34 -10.03 20.49
CA PRO A 341 20.23 -10.95 20.21
C PRO A 341 18.85 -10.33 20.38
N ARG A 342 18.73 -9.24 21.14
CA ARG A 342 17.42 -8.65 21.38
C ARG A 342 16.91 -7.87 20.17
N LEU A 343 17.80 -7.24 19.41
CA LEU A 343 17.40 -6.47 18.24
C LEU A 343 17.39 -7.27 16.95
N ARG A 344 17.70 -8.57 17.02
CA ARG A 344 17.71 -9.42 15.83
C ARG A 344 16.37 -10.10 15.57
N LYS A 345 15.37 -9.88 16.41
CA LYS A 345 14.07 -10.53 16.27
C LYS A 345 13.02 -9.59 15.69
N ARG A 346 12.86 -8.41 16.31
CA ARG A 346 11.85 -7.47 15.83
C ARG A 346 12.24 -6.88 14.48
N THR A 347 13.53 -6.72 14.21
CA THR A 347 13.97 -6.21 12.92
C THR A 347 13.74 -7.20 11.78
N PHE A 348 13.45 -8.47 12.09
CA PHE A 348 13.02 -9.43 11.09
C PHE A 348 11.52 -9.53 11.02
N ILE A 349 10.85 -9.48 12.18
CA ILE A 349 9.39 -9.56 12.20
C ILE A 349 8.77 -8.37 11.47
N LEU A 350 9.32 -7.17 11.68
CA LEU A 350 8.79 -5.99 10.99
C LEU A 350 8.99 -6.10 9.48
N MET A 351 10.14 -6.61 9.04
CA MET A 351 10.38 -6.79 7.61
C MET A 351 9.38 -7.75 7.01
N TYR A 352 9.15 -8.88 7.68
CA TYR A 352 8.20 -9.86 7.17
C TYR A 352 6.79 -9.29 7.10
N LEU A 353 6.38 -8.56 8.14
CA LEU A 353 5.04 -7.96 8.14
C LEU A 353 4.89 -6.94 7.02
N TRP A 354 5.91 -6.10 6.81
CA TRP A 354 5.83 -5.11 5.74
C TRP A 354 5.72 -5.77 4.37
N PHE A 355 6.52 -6.81 4.13
CA PHE A 355 6.45 -7.51 2.85
C PHE A 355 5.07 -8.11 2.62
N THR A 356 4.53 -8.78 3.64
CA THR A 356 3.21 -9.40 3.49
C THR A 356 2.13 -8.36 3.23
N ASP A 357 2.17 -7.25 3.97
CA ASP A 357 1.15 -6.22 3.81
C ASP A 357 1.22 -5.57 2.44
N SER A 358 2.43 -5.29 1.94
CA SER A 358 2.55 -4.71 0.61
C SER A 358 2.01 -5.66 -0.46
N VAL A 359 2.33 -6.96 -0.34
CA VAL A 359 1.83 -7.93 -1.32
C VAL A 359 0.30 -7.97 -1.30
N LEU A 360 -0.29 -8.00 -0.11
CA LEU A 360 -1.74 -8.06 -0.01
C LEU A 360 -2.38 -6.80 -0.59
N TYR A 361 -1.83 -5.63 -0.28
CA TYR A 361 -2.40 -4.38 -0.78
C TYR A 361 -2.33 -4.31 -2.30
N GLN A 362 -1.21 -4.73 -2.88
CA GLN A 362 -1.11 -4.72 -4.34
C GLN A 362 -2.08 -5.72 -4.96
N GLY A 363 -2.23 -6.91 -4.36
CA GLY A 363 -3.08 -7.93 -4.96
C GLY A 363 -4.56 -7.60 -4.92
N LEU A 364 -5.03 -6.98 -3.82
CA LEU A 364 -6.47 -6.80 -3.64
C LEU A 364 -7.07 -5.88 -4.70
N ILE A 365 -6.39 -4.78 -5.03
CA ILE A 365 -6.93 -3.83 -6.00
C ILE A 365 -7.03 -4.48 -7.37
N LEU A 366 -5.98 -5.22 -7.78
CA LEU A 366 -6.01 -5.89 -9.08
C LEU A 366 -7.06 -6.98 -9.13
N HIS A 367 -7.29 -7.68 -8.02
CA HIS A 367 -8.38 -8.66 -8.00
C HIS A 367 -9.74 -7.97 -8.12
N MET A 368 -9.93 -6.84 -7.43
CA MET A 368 -11.21 -6.14 -7.48
C MET A 368 -11.48 -5.58 -8.87
N GLY A 369 -10.47 -5.06 -9.54
CA GLY A 369 -10.67 -4.45 -10.84
C GLY A 369 -10.71 -5.41 -12.00
N ALA A 370 -11.18 -6.65 -11.77
CA ALA A 370 -11.26 -7.63 -12.83
C ALA A 370 -12.61 -8.31 -12.88
N THR A 371 -13.31 -8.38 -11.74
CA THR A 371 -14.61 -9.03 -11.63
C THR A 371 -15.64 -8.09 -11.04
N SER A 372 -15.69 -6.85 -11.53
CA SER A 372 -16.61 -5.84 -11.04
C SER A 372 -17.68 -5.56 -12.10
N GLY A 373 -18.94 -5.53 -11.67
CA GLY A 373 -20.04 -5.21 -12.57
C GLY A 373 -20.33 -3.73 -12.64
N ASN A 374 -19.85 -2.97 -11.64
CA ASN A 374 -19.99 -1.52 -11.59
C ASN A 374 -18.66 -0.96 -11.11
N LEU A 375 -17.79 -0.63 -12.05
CA LEU A 375 -16.41 -0.30 -11.70
C LEU A 375 -16.30 1.08 -11.05
N TYR A 376 -17.00 2.08 -11.58
CA TYR A 376 -16.81 3.45 -11.13
C TYR A 376 -17.26 3.63 -9.68
N LEU A 377 -18.49 3.20 -9.36
CA LEU A 377 -19.00 3.36 -8.01
C LEU A 377 -18.20 2.54 -7.01
N ASP A 378 -17.83 1.31 -7.37
CA ASP A 378 -17.04 0.48 -6.46
C ASP A 378 -15.68 1.12 -6.19
N PHE A 379 -15.02 1.61 -7.23
CA PHE A 379 -13.73 2.28 -7.04
C PHE A 379 -13.87 3.51 -6.16
N LEU A 380 -14.89 4.33 -6.39
CA LEU A 380 -15.07 5.53 -5.59
C LEU A 380 -15.34 5.19 -4.13
N TYR A 381 -16.23 4.22 -3.88
CA TYR A 381 -16.56 3.86 -2.50
C TYR A 381 -15.37 3.25 -1.79
N SER A 382 -14.58 2.42 -2.48
CA SER A 382 -13.41 1.83 -1.86
C SER A 382 -12.34 2.87 -1.57
N ALA A 383 -12.19 3.87 -2.45
CA ALA A 383 -11.21 4.93 -2.20
C ALA A 383 -11.67 5.92 -1.14
N LEU A 384 -12.96 5.99 -0.87
CA LEU A 384 -13.48 6.96 0.09
C LEU A 384 -13.42 6.49 1.54
N VAL A 385 -12.94 5.27 1.81
CA VAL A 385 -12.93 4.74 3.17
C VAL A 385 -11.51 4.58 3.69
N GLU A 386 -10.59 5.41 3.21
CA GLU A 386 -9.20 5.36 3.65
C GLU A 386 -8.83 6.48 4.62
N ILE A 387 -9.71 7.46 4.83
CA ILE A 387 -9.49 8.51 5.81
C ILE A 387 -9.82 8.03 7.23
N PRO A 388 -10.95 7.36 7.46
CA PRO A 388 -11.19 6.82 8.81
C PRO A 388 -10.12 5.85 9.27
N GLY A 389 -9.47 5.12 8.36
CA GLY A 389 -8.38 4.25 8.77
C GLY A 389 -7.25 5.03 9.42
N ALA A 390 -6.84 6.13 8.79
CA ALA A 390 -5.81 6.98 9.38
C ALA A 390 -6.30 7.62 10.68
N PHE A 391 -7.58 7.99 10.74
CA PHE A 391 -8.11 8.59 11.96
C PHE A 391 -8.03 7.62 13.14
N ILE A 392 -8.45 6.38 12.94
CA ILE A 392 -8.38 5.40 14.02
C ILE A 392 -6.94 5.05 14.36
N ALA A 393 -6.07 4.97 13.34
CA ALA A 393 -4.66 4.69 13.61
C ALA A 393 -4.04 5.77 14.48
N LEU A 394 -4.43 7.03 14.28
CA LEU A 394 -3.93 8.10 15.14
C LEU A 394 -4.61 8.13 16.51
N ILE A 395 -5.89 7.77 16.58
CA ILE A 395 -6.61 7.83 17.85
C ILE A 395 -6.11 6.75 18.80
N THR A 396 -5.84 5.54 18.29
CA THR A 396 -5.45 4.44 19.16
C THR A 396 -4.11 4.65 19.85
N ILE A 397 -3.32 5.63 19.42
CA ILE A 397 -2.02 5.88 20.05
C ILE A 397 -2.23 6.43 21.45
N ASP A 398 -1.35 6.03 22.38
CA ASP A 398 -1.21 6.53 23.75
C ASP A 398 -2.33 5.98 24.63
N ARG A 399 -3.34 5.33 24.07
CA ARG A 399 -4.42 4.76 24.86
C ARG A 399 -4.39 3.24 24.94
N VAL A 400 -3.90 2.56 23.91
CA VAL A 400 -3.85 1.11 23.86
C VAL A 400 -2.46 0.70 23.40
N GLY A 401 -2.07 -0.54 23.72
CA GLY A 401 -0.77 -1.04 23.33
C GLY A 401 -0.64 -1.15 21.82
N ARG A 402 0.59 -1.43 21.38
CA ARG A 402 0.92 -1.34 19.96
C ARG A 402 0.62 -2.62 19.18
N ILE A 403 0.31 -3.74 19.84
CA ILE A 403 0.08 -4.99 19.13
C ILE A 403 -1.39 -5.38 19.03
N TYR A 404 -2.26 -4.82 19.89
CA TYR A 404 -3.68 -5.15 19.76
C TYR A 404 -4.27 -4.62 18.47
N PRO A 405 -4.11 -3.34 18.08
CA PRO A 405 -4.60 -2.92 16.76
C PRO A 405 -3.93 -3.65 15.61
N MET A 406 -2.64 -3.97 15.74
CA MET A 406 -1.95 -4.71 14.68
C MET A 406 -2.58 -6.07 14.46
N ALA A 407 -2.76 -6.83 15.54
CA ALA A 407 -3.36 -8.16 15.43
C ALA A 407 -4.79 -8.08 14.92
N MET A 408 -5.58 -7.13 15.43
CA MET A 408 -6.97 -7.03 15.01
C MET A 408 -7.08 -6.66 13.53
N SER A 409 -6.26 -5.70 13.07
CA SER A 409 -6.32 -5.29 11.68
C SER A 409 -5.78 -6.37 10.75
N ASN A 410 -4.81 -7.16 11.20
CA ASN A 410 -4.32 -8.26 10.37
C ASN A 410 -5.33 -9.41 10.34
N LEU A 411 -6.10 -9.58 11.40
CA LEU A 411 -7.14 -10.61 11.40
C LEU A 411 -8.37 -10.19 10.62
N LEU A 412 -8.62 -8.88 10.49
CA LEU A 412 -9.78 -8.41 9.74
C LEU A 412 -9.60 -8.57 8.23
N ALA A 413 -8.36 -8.67 7.76
CA ALA A 413 -8.08 -8.81 6.34
C ALA A 413 -8.04 -10.26 5.87
N GLY A 414 -8.21 -11.22 6.78
CA GLY A 414 -8.26 -12.62 6.40
C GLY A 414 -9.66 -13.18 6.43
N ALA A 415 -10.43 -12.79 7.44
CA ALA A 415 -11.81 -13.25 7.54
C ALA A 415 -12.66 -12.75 6.38
N ALA A 416 -12.45 -11.49 5.96
CA ALA A 416 -13.18 -10.97 4.82
C ALA A 416 -12.85 -11.74 3.55
N CYS A 417 -11.57 -12.07 3.33
CA CYS A 417 -11.18 -12.84 2.16
C CYS A 417 -11.78 -14.24 2.21
N LEU A 418 -11.82 -14.86 3.39
CA LEU A 418 -12.43 -16.17 3.52
C LEU A 418 -13.92 -16.13 3.24
N VAL A 419 -14.60 -15.08 3.72
CA VAL A 419 -16.05 -14.96 3.49
C VAL A 419 -16.34 -14.69 2.01
N MET A 420 -15.47 -13.93 1.33
CA MET A 420 -15.74 -13.45 -0.02
C MET A 420 -15.90 -14.57 -1.06
N ILE A 421 -15.76 -15.83 -0.64
CA ILE A 421 -15.86 -16.95 -1.56
C ILE A 421 -17.05 -17.85 -1.23
N PHE A 422 -18.00 -17.36 -0.42
CA PHE A 422 -19.11 -18.19 0.03
C PHE A 422 -20.46 -17.48 -0.05
N ILE A 423 -20.58 -16.42 -0.84
CA ILE A 423 -21.83 -15.67 -0.99
C ILE A 423 -22.16 -15.55 -2.48
N SER A 424 -22.87 -16.55 -3.00
CA SER A 424 -23.35 -16.48 -4.37
C SER A 424 -24.63 -15.65 -4.50
N PRO A 425 -25.75 -15.99 -3.78
CA PRO A 425 -27.02 -15.28 -3.98
C PRO A 425 -27.21 -14.08 -3.05
N ASP A 426 -26.18 -13.24 -2.94
CA ASP A 426 -26.27 -12.04 -2.12
C ASP A 426 -25.51 -10.88 -2.73
N LEU A 427 -25.45 -10.81 -4.06
CA LEU A 427 -24.63 -9.83 -4.73
C LEU A 427 -25.29 -8.45 -4.71
N HIS A 428 -24.50 -7.44 -5.07
CA HIS A 428 -24.84 -6.04 -5.30
C HIS A 428 -25.09 -5.26 -4.01
N TRP A 429 -25.16 -5.89 -2.84
CA TRP A 429 -25.30 -5.14 -1.61
C TRP A 429 -24.48 -5.70 -0.45
N LEU A 430 -23.61 -6.67 -0.70
CA LEU A 430 -22.75 -7.23 0.33
C LEU A 430 -21.28 -7.19 -0.05
N ASN A 431 -20.96 -7.42 -1.32
CA ASN A 431 -19.56 -7.43 -1.74
C ASN A 431 -18.93 -6.06 -1.55
N ILE A 432 -19.70 -4.98 -1.78
CA ILE A 432 -19.16 -3.64 -1.61
C ILE A 432 -18.75 -3.40 -0.17
N ILE A 433 -19.63 -3.74 0.78
CA ILE A 433 -19.33 -3.49 2.19
C ILE A 433 -18.21 -4.39 2.68
N ILE A 434 -18.15 -5.63 2.17
CA ILE A 434 -17.07 -6.54 2.60
C ILE A 434 -15.73 -6.07 2.06
N MET A 435 -15.70 -5.63 0.80
CA MET A 435 -14.46 -5.09 0.24
C MET A 435 -14.03 -3.82 0.97
N CYS A 436 -14.99 -2.97 1.34
CA CYS A 436 -14.64 -1.77 2.11
C CYS A 436 -14.06 -2.13 3.46
N VAL A 437 -14.65 -3.12 4.15
CA VAL A 437 -14.13 -3.56 5.44
C VAL A 437 -12.71 -4.09 5.29
N GLY A 438 -12.48 -4.93 4.28
CA GLY A 438 -11.15 -5.46 4.06
C GLY A 438 -10.14 -4.38 3.73
N ARG A 439 -10.52 -3.41 2.90
CA ARG A 439 -9.62 -2.32 2.55
C ARG A 439 -9.26 -1.47 3.77
N MET A 440 -10.25 -1.17 4.61
CA MET A 440 -9.96 -0.42 5.82
C MET A 440 -9.06 -1.21 6.77
N GLY A 441 -9.32 -2.51 6.91
CA GLY A 441 -8.47 -3.33 7.76
C GLY A 441 -7.04 -3.40 7.28
N ILE A 442 -6.84 -3.44 5.97
CA ILE A 442 -5.48 -3.44 5.44
C ILE A 442 -4.83 -2.07 5.63
N THR A 443 -5.61 -0.99 5.44
CA THR A 443 -5.06 0.35 5.57
C THR A 443 -4.62 0.66 7.00
N ILE A 444 -5.34 0.13 7.99
CA ILE A 444 -4.99 0.41 9.38
C ILE A 444 -3.63 -0.18 9.72
N ALA A 445 -3.36 -1.40 9.25
CA ALA A 445 -2.12 -2.09 9.65
C ALA A 445 -0.87 -1.43 9.08
N ILE A 446 -0.96 -0.79 7.92
CA ILE A 446 0.21 -0.20 7.30
C ILE A 446 0.69 1.01 8.10
N GLN A 447 -0.25 1.81 8.63
CA GLN A 447 0.13 3.02 9.36
C GLN A 447 0.86 2.70 10.66
N MET A 448 0.47 1.62 11.34
CA MET A 448 1.09 1.28 12.61
C MET A 448 2.55 0.92 12.44
N ILE A 449 2.89 0.24 11.34
CA ILE A 449 4.28 -0.10 11.09
C ILE A 449 5.11 1.17 10.89
N CYS A 450 4.58 2.14 10.16
CA CYS A 450 5.28 3.40 9.97
C CYS A 450 5.45 4.15 11.29
N LEU A 451 4.42 4.15 12.13
CA LEU A 451 4.52 4.82 13.42
C LEU A 451 5.57 4.16 14.31
N VAL A 452 5.60 2.82 14.34
CA VAL A 452 6.61 2.12 15.13
C VAL A 452 8.00 2.39 14.58
N ASN A 453 8.12 2.45 13.26
CA ASN A 453 9.41 2.75 12.67
C ASN A 453 9.89 4.11 13.12
N ALA A 454 9.02 5.12 13.04
CA ALA A 454 9.39 6.47 13.45
C ALA A 454 9.63 6.57 14.94
N GLU A 455 9.04 5.68 15.74
CA GLU A 455 9.20 5.76 17.19
C GLU A 455 10.50 5.12 17.66
N LEU A 456 10.81 3.91 17.19
CA LEU A 456 11.86 3.11 17.79
C LEU A 456 13.19 3.15 17.05
N TYR A 457 13.23 3.60 15.79
CA TYR A 457 14.46 3.44 15.05
C TYR A 457 15.15 4.78 14.77
N PRO A 458 16.48 4.80 14.75
CA PRO A 458 17.20 6.06 14.49
C PRO A 458 17.14 6.49 13.04
N THR A 459 17.87 7.55 12.69
CA THR A 459 17.75 8.14 11.36
C THR A 459 18.38 7.26 10.29
N PHE A 460 19.69 6.99 10.41
CA PHE A 460 20.42 6.32 9.33
C PHE A 460 19.90 4.91 9.09
N VAL A 461 19.62 4.17 10.16
CA VAL A 461 19.14 2.80 10.02
C VAL A 461 17.82 2.77 9.25
N ARG A 462 16.89 3.67 9.62
CA ARG A 462 15.65 3.76 8.86
C ARG A 462 15.88 4.40 7.49
N ASN A 463 16.90 5.26 7.36
CA ASN A 463 17.23 5.85 6.08
C ASN A 463 17.68 4.82 5.06
N LEU A 464 18.24 3.70 5.51
CA LEU A 464 18.52 2.56 4.64
C LEU A 464 17.39 1.55 4.60
N GLY A 465 16.63 1.42 5.69
CA GLY A 465 15.51 0.52 5.72
C GLY A 465 14.40 0.91 4.77
N VAL A 466 14.24 2.21 4.51
CA VAL A 466 13.25 2.64 3.53
C VAL A 466 13.59 2.09 2.15
N MET A 467 14.87 2.17 1.76
CA MET A 467 15.28 1.62 0.47
C MET A 467 15.17 0.10 0.46
N VAL A 468 15.52 -0.55 1.57
CA VAL A 468 15.43 -2.01 1.64
C VAL A 468 13.98 -2.46 1.48
N CYS A 469 13.05 -1.80 2.18
CA CYS A 469 11.64 -2.16 2.07
C CYS A 469 11.08 -1.81 0.70
N SER A 470 11.56 -0.73 0.08
CA SER A 470 11.15 -0.42 -1.29
C SER A 470 11.59 -1.53 -2.25
N SER A 471 12.81 -2.04 -2.08
CA SER A 471 13.27 -3.15 -2.92
C SER A 471 12.45 -4.40 -2.66
N LEU A 472 12.13 -4.68 -1.40
CA LEU A 472 11.29 -5.83 -1.07
C LEU A 472 9.93 -5.75 -1.76
N CYS A 473 9.27 -4.60 -1.63
CA CYS A 473 7.96 -4.45 -2.26
C CYS A 473 8.07 -4.45 -3.78
N ASP A 474 9.19 -3.98 -4.33
CA ASP A 474 9.37 -4.03 -5.78
C ASP A 474 9.48 -5.46 -6.28
N ILE A 475 10.24 -6.31 -5.59
CA ILE A 475 10.31 -7.71 -6.02
C ILE A 475 8.97 -8.41 -5.80
N GLY A 476 8.26 -8.04 -4.73
CA GLY A 476 6.93 -8.59 -4.53
C GLY A 476 5.98 -8.23 -5.64
N GLY A 477 6.04 -6.98 -6.10
CA GLY A 477 5.22 -6.55 -7.22
C GLY A 477 5.67 -7.08 -8.56
N ILE A 478 6.94 -7.47 -8.68
CA ILE A 478 7.37 -8.20 -9.88
C ILE A 478 6.72 -9.58 -9.90
N ILE A 479 6.71 -10.26 -8.76
CA ILE A 479 6.23 -11.65 -8.77
C ILE A 479 4.70 -11.74 -8.74
N THR A 480 4.02 -10.75 -8.14
CA THR A 480 2.57 -10.88 -7.91
C THR A 480 1.73 -11.03 -9.17
N PRO A 481 1.82 -10.15 -10.19
CA PRO A 481 0.79 -10.17 -11.24
C PRO A 481 0.68 -11.47 -12.00
N PHE A 482 1.79 -12.17 -12.23
CA PHE A 482 1.74 -13.45 -12.92
C PHE A 482 0.93 -14.47 -12.12
N ILE A 483 1.18 -14.53 -10.81
CA ILE A 483 0.45 -15.46 -9.95
C ILE A 483 -1.02 -15.08 -9.87
N VAL A 484 -1.31 -13.78 -9.74
CA VAL A 484 -2.70 -13.34 -9.60
C VAL A 484 -3.49 -13.64 -10.87
N PHE A 485 -2.92 -13.30 -12.03
CA PHE A 485 -3.66 -13.43 -13.29
C PHE A 485 -3.72 -14.86 -13.77
N ARG A 486 -2.64 -15.63 -13.62
CA ARG A 486 -2.55 -16.95 -14.24
C ARG A 486 -2.99 -18.08 -13.32
N LEU A 487 -3.37 -17.80 -12.08
CA LEU A 487 -3.93 -18.80 -11.19
C LEU A 487 -5.45 -18.82 -11.21
N ARG A 488 -6.08 -17.89 -11.92
CA ARG A 488 -7.52 -17.87 -12.06
C ARG A 488 -8.02 -18.85 -13.12
N GLU A 489 -7.12 -19.47 -13.87
CA GLU A 489 -7.54 -20.42 -14.91
C GLU A 489 -8.02 -21.73 -14.29
N VAL A 490 -7.31 -22.24 -13.28
CA VAL A 490 -7.71 -23.49 -12.65
C VAL A 490 -9.02 -23.32 -11.91
N TRP A 491 -9.14 -22.25 -11.11
CA TRP A 491 -10.35 -21.96 -10.38
C TRP A 491 -10.37 -20.49 -10.03
N GLN A 492 -11.57 -19.91 -9.99
CA GLN A 492 -11.71 -18.49 -9.76
C GLN A 492 -11.46 -18.10 -8.30
N ALA A 493 -11.54 -19.05 -7.37
CA ALA A 493 -11.38 -18.77 -5.95
C ALA A 493 -9.97 -19.10 -5.45
N LEU A 494 -9.08 -19.59 -6.31
CA LEU A 494 -7.73 -19.93 -5.86
C LEU A 494 -6.94 -18.73 -5.36
N PRO A 495 -6.90 -17.58 -6.05
CA PRO A 495 -6.13 -16.45 -5.50
C PRO A 495 -6.69 -15.91 -4.19
N LEU A 496 -7.91 -16.25 -3.82
CA LEU A 496 -8.51 -15.78 -2.58
C LEU A 496 -8.27 -16.73 -1.41
N ILE A 497 -7.50 -17.79 -1.62
CA ILE A 497 -7.05 -18.65 -0.53
C ILE A 497 -5.66 -18.27 -0.04
N LEU A 498 -4.77 -17.91 -0.97
CA LEU A 498 -3.44 -17.45 -0.58
C LEU A 498 -3.52 -16.18 0.25
N PHE A 499 -4.41 -15.26 -0.13
CA PHE A 499 -4.58 -14.03 0.65
C PHE A 499 -5.06 -14.33 2.06
N ALA A 500 -6.03 -15.24 2.19
CA ALA A 500 -6.54 -15.59 3.50
C ALA A 500 -5.46 -16.26 4.35
N VAL A 501 -4.66 -17.14 3.74
CA VAL A 501 -3.60 -17.81 4.50
C VAL A 501 -2.56 -16.80 4.98
N LEU A 502 -2.13 -15.91 4.08
CA LEU A 502 -1.15 -14.90 4.47
C LEU A 502 -1.68 -13.99 5.57
N GLY A 503 -2.94 -13.56 5.45
CA GLY A 503 -3.51 -12.69 6.47
C GLY A 503 -3.68 -13.37 7.81
N LEU A 504 -4.16 -14.62 7.80
CA LEU A 504 -4.40 -15.34 9.04
C LEU A 504 -3.13 -15.82 9.70
N LEU A 505 -2.02 -15.95 8.95
CA LEU A 505 -0.77 -16.33 9.55
C LEU A 505 0.08 -15.13 9.96
N ALA A 506 -0.12 -13.98 9.32
CA ALA A 506 0.60 -12.77 9.71
C ALA A 506 0.10 -12.20 11.04
N ALA A 507 -1.06 -12.63 11.51
CA ALA A 507 -1.57 -12.18 12.81
C ALA A 507 -1.07 -13.04 13.96
N GLY A 508 -0.40 -14.16 13.67
CA GLY A 508 0.16 -15.01 14.71
C GLY A 508 1.63 -14.82 14.96
N VAL A 509 2.32 -14.04 14.14
CA VAL A 509 3.73 -13.75 14.36
C VAL A 509 3.94 -12.48 15.17
N THR A 510 2.93 -11.61 15.27
CA THR A 510 3.05 -10.40 16.06
C THR A 510 3.02 -10.68 17.56
N LEU A 511 2.62 -11.88 17.98
CA LEU A 511 2.56 -12.21 19.40
C LEU A 511 3.90 -12.64 19.97
N LEU A 512 4.94 -12.74 19.14
CA LEU A 512 6.29 -13.03 19.61
C LEU A 512 7.11 -11.77 19.82
N LEU A 513 6.52 -10.59 19.62
CA LEU A 513 7.22 -9.31 19.75
C LEU A 513 7.41 -8.89 21.20
N PRO A 514 6.44 -9.09 22.11
CA PRO A 514 6.69 -8.73 23.51
C PRO A 514 7.87 -9.49 24.09
N GLU A 515 8.66 -8.79 24.91
CA GLU A 515 9.84 -9.39 25.51
C GLU A 515 9.46 -10.21 26.74
N THR A 516 10.07 -11.38 26.86
CA THR A 516 9.79 -12.27 27.99
C THR A 516 10.31 -11.65 29.28
N LYS A 517 9.66 -12.04 30.40
CA LYS A 517 10.03 -11.58 31.74
C LYS A 517 9.87 -10.06 31.86
N GLY A 518 8.67 -9.58 31.57
CA GLY A 518 8.35 -8.18 31.72
C GLY A 518 7.78 -7.87 33.10
N VAL A 519 8.63 -7.36 33.98
CA VAL A 519 8.21 -7.12 35.36
C VAL A 519 7.33 -5.88 35.43
N ALA A 520 6.17 -6.01 36.05
CA ALA A 520 5.25 -4.90 36.19
C ALA A 520 5.76 -3.89 37.23
N GLN B 3 23.27 -0.65 31.41
CA GLN B 3 23.50 -0.11 32.74
C GLN B 3 22.95 1.31 32.86
N LEU B 4 21.99 1.49 33.76
CA LEU B 4 21.36 2.79 33.99
C LEU B 4 21.84 3.35 35.32
N GLN B 5 22.34 4.60 35.28
CA GLN B 5 22.80 5.29 36.47
C GLN B 5 22.23 6.70 36.49
N GLU B 6 21.92 7.18 37.69
CA GLU B 6 21.34 8.50 37.88
C GLU B 6 22.31 9.39 38.66
N SER B 7 22.00 10.68 38.68
CA SER B 7 22.81 11.67 39.38
C SER B 7 21.90 12.78 39.88
N GLY B 8 22.51 13.90 40.26
CA GLY B 8 21.73 15.03 40.76
C GLY B 8 21.21 14.79 42.17
N GLY B 9 20.12 15.48 42.50
CA GLY B 9 19.51 15.38 43.80
C GLY B 9 20.12 16.34 44.80
N GLY B 10 19.44 16.45 45.94
CA GLY B 10 19.89 17.35 47.00
C GLY B 10 18.74 17.70 47.93
N LEU B 11 18.86 18.87 48.56
CA LEU B 11 17.85 19.37 49.48
C LEU B 11 17.63 20.86 49.20
N VAL B 12 16.60 21.16 48.41
CA VAL B 12 16.29 22.55 48.09
C VAL B 12 15.66 23.22 49.31
N GLN B 13 15.81 24.54 49.39
CA GLN B 13 15.31 25.27 50.55
C GLN B 13 13.82 25.54 50.45
N ALA B 14 13.37 26.12 49.34
CA ALA B 14 11.98 26.52 49.17
C ALA B 14 11.48 26.11 47.80
N GLY B 15 11.76 24.87 47.39
CA GLY B 15 11.31 24.38 46.11
C GLY B 15 11.95 25.08 44.92
N GLY B 16 13.26 25.27 44.97
CA GLY B 16 13.98 25.93 43.90
C GLY B 16 14.23 25.01 42.72
N SER B 17 14.94 25.54 41.74
CA SER B 17 15.24 24.79 40.52
C SER B 17 16.28 23.72 40.79
N LEU B 18 16.12 22.57 40.13
CA LEU B 18 17.06 21.47 40.24
C LEU B 18 17.07 20.71 38.92
N ARG B 19 18.18 20.01 38.69
CA ARG B 19 18.39 19.29 37.43
C ARG B 19 18.76 17.84 37.72
N LEU B 20 18.20 16.93 36.92
CA LEU B 20 18.49 15.50 37.02
C LEU B 20 19.04 15.00 35.70
N SER B 21 19.96 14.04 35.78
CA SER B 21 20.62 13.49 34.61
C SER B 21 20.64 11.96 34.68
N CYS B 22 20.31 11.33 33.56
CA CYS B 22 20.31 9.88 33.44
C CYS B 22 21.28 9.48 32.33
N ALA B 23 22.13 8.49 32.61
CA ALA B 23 23.14 8.03 31.66
C ALA B 23 22.75 6.68 31.08
N ALA B 24 23.29 6.39 29.91
CA ALA B 24 23.03 5.14 29.20
C ALA B 24 24.35 4.53 28.72
N SER B 25 24.25 3.35 28.14
CA SER B 25 25.42 2.61 27.67
C SER B 25 25.75 2.90 26.21
N GLY B 26 24.72 3.01 25.37
CA GLY B 26 24.91 3.29 23.96
C GLY B 26 24.02 2.44 23.07
N THR B 27 23.78 1.19 23.48
CA THR B 27 22.77 0.38 22.80
C THR B 27 21.37 0.81 23.21
N ILE B 28 21.18 1.12 24.50
CA ILE B 28 19.88 1.57 24.97
C ILE B 28 19.55 2.95 24.43
N PHE B 29 20.56 3.81 24.32
CA PHE B 29 20.34 5.21 23.98
C PHE B 29 19.79 5.41 22.58
N TYR B 30 19.94 4.44 21.68
CA TYR B 30 19.65 4.65 20.26
C TYR B 30 18.47 3.85 19.72
N TYR B 31 18.01 2.82 20.43
CA TYR B 31 17.07 1.89 19.83
C TYR B 31 15.73 1.74 20.56
N GLU B 32 15.56 2.33 21.74
CA GLU B 32 14.27 2.24 22.42
C GLU B 32 14.00 3.56 23.15
N ILE B 33 12.98 3.53 24.01
CA ILE B 33 12.38 4.71 24.61
C ILE B 33 12.78 4.77 26.08
N MET B 34 13.21 5.96 26.51
CA MET B 34 13.54 6.20 27.91
C MET B 34 12.36 6.87 28.62
N GLY B 35 12.56 7.18 29.90
CA GLY B 35 11.50 7.83 30.67
C GLY B 35 11.94 8.03 32.10
N TRP B 36 11.04 8.63 32.88
CA TRP B 36 11.28 8.90 34.29
C TRP B 36 10.05 8.51 35.09
N TYR B 37 10.27 7.99 36.30
CA TYR B 37 9.20 7.57 37.18
C TYR B 37 9.48 8.07 38.59
N ARG B 38 8.41 8.28 39.36
CA ARG B 38 8.49 8.85 40.69
C ARG B 38 8.04 7.85 41.72
N GLN B 39 8.74 7.81 42.87
CA GLN B 39 8.40 6.87 43.92
C GLN B 39 7.06 7.20 44.55
N ALA B 40 6.85 8.47 44.92
CA ALA B 40 5.62 8.95 45.54
C ALA B 40 5.26 8.12 46.77
N PRO B 41 5.95 8.31 47.89
CA PRO B 41 5.67 7.49 49.08
C PRO B 41 4.20 7.57 49.47
N GLY B 42 3.65 6.42 49.86
CA GLY B 42 2.22 6.27 49.98
C GLY B 42 1.54 5.80 48.71
N LYS B 43 2.27 5.75 47.60
CA LYS B 43 1.77 5.24 46.33
C LYS B 43 2.79 4.27 45.75
N GLU B 44 2.30 3.26 45.04
CA GLU B 44 3.18 2.21 44.54
C GLU B 44 4.16 2.73 43.50
N ARG B 45 3.70 3.61 42.60
CA ARG B 45 4.52 4.08 41.50
C ARG B 45 3.80 5.23 40.80
N GLU B 46 4.58 6.14 40.24
CA GLU B 46 4.03 7.29 39.53
C GLU B 46 4.81 7.52 38.25
N PHE B 47 4.15 8.16 37.28
CA PHE B 47 4.70 8.42 35.96
C PHE B 47 4.84 9.92 35.76
N VAL B 48 5.91 10.32 35.07
CA VAL B 48 6.19 11.75 34.88
C VAL B 48 6.22 12.12 33.40
N ALA B 49 7.19 11.58 32.65
CA ALA B 49 7.37 11.99 31.27
C ALA B 49 8.16 10.94 30.50
N THR B 50 8.06 11.00 29.17
CA THR B 50 8.82 10.13 28.28
C THR B 50 9.44 10.97 27.18
N ILE B 51 10.20 10.31 26.31
CA ILE B 51 10.75 10.90 25.09
C ILE B 51 11.22 9.77 24.20
N ASP B 52 11.08 9.94 22.89
CA ASP B 52 11.48 8.90 21.96
C ASP B 52 12.45 9.42 20.91
N GLN B 53 12.74 8.61 19.90
CA GLN B 53 13.75 8.97 18.89
C GLN B 53 13.33 10.19 18.08
N GLY B 54 12.05 10.26 17.71
CA GLY B 54 11.59 11.38 16.90
C GLY B 54 11.66 12.70 17.65
N GLY B 55 11.41 12.67 18.95
CA GLY B 55 11.39 13.88 19.76
C GLY B 55 10.02 14.22 20.34
N ILE B 56 9.00 13.40 20.12
CA ILE B 56 7.68 13.65 20.69
C ILE B 56 7.70 13.36 22.18
N THR B 57 7.17 14.28 22.98
CA THR B 57 7.24 14.18 24.43
C THR B 57 5.84 14.10 25.03
N ASN B 58 5.74 13.40 26.15
CA ASN B 58 4.52 13.29 26.93
C ASN B 58 4.75 13.86 28.32
N TYR B 59 3.66 14.10 29.05
CA TYR B 59 3.76 14.69 30.37
C TYR B 59 2.60 14.20 31.24
N ALA B 60 2.77 14.35 32.54
CA ALA B 60 1.75 13.99 33.51
C ALA B 60 0.83 15.18 33.77
N ASP B 61 -0.44 14.87 34.06
CA ASP B 61 -1.44 15.91 34.23
C ASP B 61 -1.19 16.76 35.48
N SER B 62 -0.39 16.28 36.42
CA SER B 62 -0.15 17.01 37.66
C SER B 62 1.08 17.92 37.60
N VAL B 63 1.98 17.71 36.65
CA VAL B 63 3.20 18.49 36.53
C VAL B 63 3.32 19.15 35.17
N LYS B 64 2.22 19.23 34.43
CA LYS B 64 2.25 19.86 33.12
C LYS B 64 2.54 21.35 33.24
N GLY B 65 3.45 21.84 32.39
CA GLY B 65 3.83 23.23 32.41
C GLY B 65 4.87 23.60 33.45
N ARG B 66 5.44 22.62 34.14
CA ARG B 66 6.45 22.91 35.16
C ARG B 66 7.73 22.13 34.91
N PHE B 67 7.63 20.98 34.25
CA PHE B 67 8.76 20.10 33.99
C PHE B 67 9.12 20.13 32.51
N THR B 68 10.42 20.00 32.22
CA THR B 68 10.91 19.97 30.85
C THR B 68 11.95 18.87 30.71
N ILE B 69 11.85 18.09 29.64
CA ILE B 69 12.76 16.99 29.37
C ILE B 69 13.46 17.25 28.03
N SER B 70 14.78 17.09 28.01
CA SER B 70 15.57 17.32 26.81
C SER B 70 16.56 16.18 26.63
N ARG B 71 16.95 15.95 25.38
CA ARG B 71 17.85 14.86 25.02
C ARG B 71 19.16 15.43 24.50
N ASP B 72 20.27 14.88 25.01
CA ASP B 72 21.61 15.26 24.58
C ASP B 72 22.27 14.07 23.91
N ASN B 73 22.67 14.21 22.65
CA ASN B 73 23.25 13.12 21.89
C ASN B 73 24.75 13.01 22.04
N ALA B 74 25.42 14.12 22.36
CA ALA B 74 26.88 14.10 22.46
C ALA B 74 27.34 13.30 23.67
N LYS B 75 26.72 13.51 24.82
CA LYS B 75 27.12 12.88 26.07
C LYS B 75 26.33 11.62 26.38
N ASN B 76 25.40 11.22 25.51
CA ASN B 76 24.59 10.01 25.70
C ASN B 76 23.84 10.05 27.03
N THR B 77 23.12 11.15 27.26
CA THR B 77 22.38 11.35 28.50
C THR B 77 21.03 11.95 28.20
N VAL B 78 20.09 11.74 29.13
CA VAL B 78 18.76 12.33 29.06
C VAL B 78 18.59 13.24 30.28
N TYR B 79 18.21 14.49 30.03
CA TYR B 79 18.13 15.50 31.07
C TYR B 79 16.67 15.78 31.44
N LEU B 80 16.46 16.15 32.69
CA LEU B 80 15.15 16.57 33.18
C LEU B 80 15.34 17.77 34.09
N GLN B 81 14.57 18.83 33.84
CA GLN B 81 14.68 20.08 34.58
C GLN B 81 13.39 20.34 35.34
N MET B 82 13.51 20.58 36.65
CA MET B 82 12.37 20.91 37.50
C MET B 82 12.64 22.25 38.18
N ASN B 83 11.68 23.17 38.07
CA ASN B 83 11.83 24.50 38.63
C ASN B 83 10.50 24.93 39.27
N SER B 84 10.60 25.87 40.21
CA SER B 84 9.44 26.39 40.94
C SER B 84 8.66 25.27 41.61
N LEU B 85 9.38 24.45 42.36
CA LEU B 85 8.75 23.31 43.03
C LEU B 85 7.87 23.77 44.19
N LYS B 86 7.04 22.86 44.66
CA LYS B 86 6.11 23.09 45.75
C LYS B 86 6.34 22.05 46.83
N PRO B 87 5.98 22.34 48.09
CA PRO B 87 6.23 21.37 49.17
C PRO B 87 5.32 20.15 49.10
N GLU B 88 5.29 19.49 47.94
CA GLU B 88 4.55 18.25 47.79
C GLU B 88 5.29 17.20 46.97
N ASP B 89 6.48 17.51 46.46
CA ASP B 89 7.27 16.60 45.63
C ASP B 89 8.50 16.16 46.43
N THR B 90 8.35 15.10 47.21
CA THR B 90 9.45 14.53 47.98
C THR B 90 9.39 13.02 47.80
N ALA B 91 10.23 12.49 46.91
CA ALA B 91 10.19 11.08 46.56
C ALA B 91 11.53 10.67 45.99
N VAL B 92 11.58 9.49 45.39
CA VAL B 92 12.78 8.96 44.76
C VAL B 92 12.52 8.81 43.27
N TYR B 93 13.40 9.36 42.45
CA TYR B 93 13.21 9.41 41.00
C TYR B 93 14.05 8.34 40.33
N TYR B 94 13.40 7.49 39.54
CA TYR B 94 14.04 6.38 38.85
C TYR B 94 14.13 6.65 37.36
N CYS B 95 15.13 6.07 36.72
CA CYS B 95 15.26 6.04 35.26
C CYS B 95 14.90 4.65 34.78
N ALA B 96 13.98 4.56 33.84
CA ALA B 96 13.45 3.26 33.42
C ALA B 96 13.24 3.25 31.92
N VAL B 97 13.15 2.04 31.37
CA VAL B 97 12.87 1.81 29.96
C VAL B 97 11.55 1.06 29.86
N PRO B 98 10.48 1.74 29.47
CA PRO B 98 9.17 1.08 29.40
C PRO B 98 9.07 0.12 28.23
N ASP B 99 8.00 -0.68 28.26
CA ASP B 99 7.69 -1.62 27.19
C ASP B 99 6.48 -1.10 26.42
N VAL B 100 6.62 -0.98 25.10
CA VAL B 100 5.60 -0.36 24.28
C VAL B 100 4.56 -1.37 23.80
N PHE B 101 4.99 -2.57 23.44
CA PHE B 101 4.13 -3.52 22.75
C PHE B 101 3.05 -4.14 23.62
N VAL B 102 3.20 -4.11 24.94
CA VAL B 102 2.27 -4.79 25.84
C VAL B 102 1.83 -3.83 26.94
N GLY B 103 0.53 -3.83 27.23
CA GLY B 103 0.00 -3.01 28.30
C GLY B 103 -0.62 -1.72 27.81
N ARG B 104 -0.07 -0.59 28.24
CA ARG B 104 -0.51 0.72 27.78
C ARG B 104 0.61 1.58 27.21
N GLY B 105 1.84 1.06 27.15
CA GLY B 105 2.96 1.78 26.62
C GLY B 105 3.88 2.38 27.66
N TRP B 106 3.42 2.53 28.90
CA TRP B 106 4.26 3.07 29.96
C TRP B 106 4.04 2.37 31.30
N ASP B 107 3.35 1.23 31.32
CA ASP B 107 3.00 0.57 32.57
C ASP B 107 4.05 -0.43 33.04
N TYR B 108 4.70 -1.13 32.12
CA TYR B 108 5.65 -2.17 32.45
C TYR B 108 7.08 -1.67 32.25
N LEU B 109 8.01 -2.26 33.01
CA LEU B 109 9.41 -1.87 32.96
C LEU B 109 10.29 -3.10 32.77
N ILE B 110 11.40 -2.93 32.08
CA ILE B 110 12.40 -3.97 31.90
C ILE B 110 13.80 -3.53 32.33
N TYR B 111 13.96 -2.29 32.78
CA TYR B 111 15.25 -1.80 33.23
C TYR B 111 15.03 -0.66 34.23
N TRP B 112 15.86 -0.63 35.27
CA TRP B 112 15.83 0.47 36.24
C TRP B 112 17.17 0.50 36.96
N GLY B 113 17.43 1.63 37.63
CA GLY B 113 18.73 1.85 38.22
C GLY B 113 18.77 2.35 39.64
N GLN B 114 17.75 1.99 40.43
CA GLN B 114 17.71 2.22 41.88
C GLN B 114 17.53 3.70 42.24
N GLY B 115 17.55 4.58 41.25
CA GLY B 115 17.23 5.99 41.42
C GLY B 115 18.04 6.75 42.48
N THR B 116 17.49 7.92 42.81
CA THR B 116 18.10 8.80 43.79
C THR B 116 17.00 9.54 44.53
N GLN B 117 17.36 10.10 45.68
CA GLN B 117 16.40 10.74 46.59
C GLN B 117 16.65 12.25 46.65
N VAL B 118 15.57 13.02 46.54
CA VAL B 118 15.64 14.48 46.67
C VAL B 118 14.44 14.93 47.52
N THR B 119 14.69 15.85 48.44
CA THR B 119 13.66 16.35 49.33
C THR B 119 13.65 17.88 49.30
N VAL B 120 12.49 18.44 49.63
CA VAL B 120 12.33 19.89 49.64
C VAL B 120 12.14 20.39 51.07
#